data_3NKL
#
_entry.id   3NKL
#
_cell.length_a   108.262
_cell.length_b   45.379
_cell.length_c   69.813
_cell.angle_alpha   90.00
_cell.angle_beta   91.54
_cell.angle_gamma   90.00
#
_symmetry.space_group_name_H-M   'C 1 2 1'
#
loop_
_entity.id
_entity.type
_entity.pdbx_description
1 polymer 'UDP-D-quinovosamine 4-dehydrogenase'
2 non-polymer 'SULFATE ION'
3 non-polymer GLYCEROL
4 non-polymer 'ACETIC ACID'
5 non-polymer 'CHLORIDE ION'
6 water water
#
_entity_poly.entity_id   1
_entity_poly.type   'polypeptide(L)'
_entity_poly.pdbx_seq_one_letter_code
;SNAKKKVLIYGAGSAGLQLAN(MSE)LRQGKEFHPIAFIDDDRKKHKTT(MSE)QGITIYRPKYLERLIKKHCISTVLLA
VPSASQVQKKVIIESLAKLHVEVLTIPNLDDLVNGKLSIGQLKEVSIDDLLGRVAVTPQAEL(MSE)EANIKD
;
_entity_poly.pdbx_strand_id   A,B
#
# COMPACT_ATOMS: atom_id res chain seq x y z
N ALA A 3 7.16 -19.59 22.04
CA ALA A 3 6.64 -18.33 21.52
C ALA A 3 6.86 -18.28 20.01
N LYS A 4 6.05 -17.46 19.34
CA LYS A 4 6.17 -17.35 17.91
C LYS A 4 7.52 -16.72 17.55
N LYS A 5 8.04 -17.06 16.37
CA LYS A 5 9.25 -16.44 15.80
C LYS A 5 9.05 -14.94 15.58
N LYS A 6 9.94 -14.11 16.11
CA LYS A 6 9.79 -12.67 15.89
C LYS A 6 10.27 -12.26 14.49
N VAL A 7 9.51 -11.38 13.86
CA VAL A 7 9.87 -10.90 12.55
C VAL A 7 9.74 -9.38 12.45
N LEU A 8 10.46 -8.80 11.51
CA LEU A 8 10.11 -7.48 10.98
C LEU A 8 9.37 -7.71 9.67
N ILE A 9 8.44 -6.83 9.35
CA ILE A 9 7.80 -6.82 8.04
C ILE A 9 8.30 -5.60 7.30
N TYR A 10 8.90 -5.81 6.14
CA TYR A 10 9.46 -4.71 5.35
C TYR A 10 8.38 -4.34 4.35
N GLY A 11 7.74 -3.19 4.56
CA GLY A 11 6.63 -2.75 3.73
C GLY A 11 5.40 -2.54 4.60
N ALA A 12 5.03 -1.28 4.85
CA ALA A 12 3.80 -1.01 5.61
C ALA A 12 2.71 -0.41 4.72
N GLY A 13 2.62 -0.90 3.49
CA GLY A 13 1.54 -0.53 2.58
C GLY A 13 0.39 -1.49 2.86
N SER A 14 -0.56 -1.61 1.92
CA SER A 14 -1.76 -2.41 2.17
C SER A 14 -1.37 -3.86 2.44
N ALA A 15 -0.50 -4.41 1.60
CA ALA A 15 -0.11 -5.81 1.74
C ALA A 15 0.55 -6.11 3.08
N GLY A 16 1.52 -5.27 3.47
CA GLY A 16 2.24 -5.47 4.72
C GLY A 16 1.34 -5.41 5.95
N LEU A 17 0.42 -4.44 5.96
N LEU A 17 0.43 -4.43 5.96
CA LEU A 17 -0.49 -4.29 7.10
CA LEU A 17 -0.50 -4.29 7.09
C LEU A 17 -1.39 -5.51 7.16
C LEU A 17 -1.41 -5.50 7.15
N GLN A 18 -1.88 -5.96 5.99
CA GLN A 18 -2.73 -7.14 5.96
C GLN A 18 -1.93 -8.35 6.44
N LEU A 19 -0.67 -8.43 6.03
CA LEU A 19 0.20 -9.52 6.46
C LEU A 19 0.36 -9.53 7.98
N ALA A 20 0.62 -8.36 8.56
CA ALA A 20 0.81 -8.29 10.01
C ALA A 20 -0.46 -8.79 10.71
N ASN A 21 -1.61 -8.36 10.20
CA ASN A 21 -2.91 -8.74 10.77
C ASN A 21 -3.10 -10.27 10.76
N LEU A 23 -0.70 -12.60 10.43
CA LEU A 23 0.32 -13.25 11.25
C LEU A 23 -0.01 -13.19 12.75
N ARG A 24 -0.49 -12.04 13.20
CA ARG A 24 -0.86 -11.88 14.61
C ARG A 24 -1.85 -12.94 15.02
N GLN A 25 -2.80 -13.22 14.13
CA GLN A 25 -3.85 -14.19 14.41
C GLN A 25 -3.31 -15.62 14.39
N GLY A 26 -2.25 -15.82 13.62
CA GLY A 26 -1.72 -17.15 13.39
C GLY A 26 -0.79 -17.62 14.49
N LYS A 27 -0.16 -18.77 14.26
CA LYS A 27 0.65 -19.43 15.27
C LYS A 27 2.14 -19.50 14.89
N GLU A 28 2.54 -18.81 13.82
CA GLU A 28 3.91 -18.96 13.35
C GLU A 28 4.86 -17.79 13.62
N PHE A 29 4.41 -16.57 13.31
CA PHE A 29 5.28 -15.40 13.41
C PHE A 29 4.68 -14.31 14.27
N HIS A 30 5.53 -13.56 14.95
CA HIS A 30 5.08 -12.39 15.69
C HIS A 30 5.71 -11.15 15.09
N PRO A 31 4.90 -10.32 14.45
CA PRO A 31 5.41 -9.07 13.84
C PRO A 31 5.79 -8.06 14.92
N ILE A 32 7.07 -7.74 15.05
CA ILE A 32 7.42 -6.83 16.13
C ILE A 32 7.39 -5.36 15.69
N ALA A 33 7.70 -5.11 14.42
CA ALA A 33 7.66 -3.76 13.84
C ALA A 33 7.72 -3.81 12.32
N PHE A 34 7.42 -2.69 11.66
CA PHE A 34 7.55 -2.59 10.20
C PHE A 34 8.77 -1.75 9.87
N ILE A 35 9.34 -2.01 8.71
CA ILE A 35 10.28 -1.08 8.11
C ILE A 35 9.55 -0.57 6.86
N ASP A 36 9.70 0.70 6.53
CA ASP A 36 9.11 1.25 5.30
C ASP A 36 9.95 2.44 4.82
N ASP A 37 10.18 2.53 3.51
CA ASP A 37 10.96 3.62 2.93
C ASP A 37 10.26 4.98 3.00
N ASP A 38 8.96 4.98 3.27
CA ASP A 38 8.17 6.22 3.27
C ASP A 38 8.42 7.04 4.55
N ARG A 39 9.17 8.15 4.41
CA ARG A 39 9.51 9.00 5.55
C ARG A 39 8.31 9.48 6.36
N LYS A 40 7.17 9.66 5.68
CA LYS A 40 5.97 10.14 6.35
C LYS A 40 5.40 9.12 7.34
N LYS A 41 5.73 7.85 7.16
CA LYS A 41 5.28 6.81 8.09
C LYS A 41 6.25 6.54 9.24
N HIS A 42 7.43 7.17 9.18
CA HIS A 42 8.43 6.93 10.20
C HIS A 42 7.90 7.22 11.60
N LYS A 43 8.01 6.22 12.47
CA LYS A 43 7.55 6.30 13.85
C LYS A 43 6.05 6.46 14.03
N THR A 44 5.28 6.12 13.00
CA THR A 44 3.84 6.04 13.16
C THR A 44 3.46 4.62 13.56
N THR A 45 2.25 4.47 14.06
CA THR A 45 1.77 3.17 14.51
C THR A 45 0.67 2.67 13.59
N GLN A 47 -1.48 -1.33 12.82
CA GLN A 47 -1.59 -2.73 13.25
C GLN A 47 -0.95 -2.91 14.65
N GLY A 48 -1.06 -1.86 15.47
CA GLY A 48 -0.60 -1.95 16.84
C GLY A 48 0.91 -1.91 17.06
N ILE A 49 1.69 -1.71 15.99
CA ILE A 49 3.15 -1.72 16.10
C ILE A 49 3.77 -0.54 15.35
N THR A 50 5.04 -0.27 15.59
CA THR A 50 5.69 0.90 15.05
C THR A 50 6.27 0.65 13.67
N ILE A 51 6.21 1.68 12.82
CA ILE A 51 6.86 1.64 11.51
C ILE A 51 8.11 2.52 11.57
N TYR A 52 9.22 2.05 10.99
CA TYR A 52 10.49 2.80 11.00
C TYR A 52 11.12 2.89 9.61
N ARG A 53 11.83 3.98 9.34
CA ARG A 53 12.71 4.09 8.17
C ARG A 53 13.79 2.99 8.21
N PRO A 54 14.34 2.63 7.04
CA PRO A 54 15.27 1.51 6.97
C PRO A 54 16.56 1.68 7.75
N LYS A 55 16.93 2.92 8.13
CA LYS A 55 18.14 3.10 8.92
C LYS A 55 18.04 2.33 10.25
N TYR A 56 16.82 2.01 10.67
CA TYR A 56 16.61 1.32 11.95
C TYR A 56 16.72 -0.20 11.86
N LEU A 57 16.97 -0.71 10.66
CA LEU A 57 16.95 -2.16 10.45
C LEU A 57 17.89 -2.90 11.38
N GLU A 58 19.16 -2.53 11.38
CA GLU A 58 20.14 -3.27 12.16
C GLU A 58 19.86 -3.20 13.65
N ARG A 59 19.52 -2.01 14.14
CA ARG A 59 19.29 -1.88 15.56
C ARG A 59 18.08 -2.69 16.04
N LEU A 60 17.05 -2.82 15.20
CA LEU A 60 15.87 -3.57 15.59
C LEU A 60 16.16 -5.07 15.52
N ILE A 61 16.89 -5.49 14.50
CA ILE A 61 17.25 -6.90 14.39
C ILE A 61 18.03 -7.35 15.63
N LYS A 62 18.99 -6.53 16.05
CA LYS A 62 19.82 -6.88 17.21
C LYS A 62 19.05 -6.74 18.53
N LYS A 63 18.22 -5.71 18.63
CA LYS A 63 17.46 -5.47 19.87
C LYS A 63 16.54 -6.63 20.14
N HIS A 64 15.89 -7.13 19.10
CA HIS A 64 14.86 -8.14 19.25
C HIS A 64 15.30 -9.56 18.87
N CYS A 65 16.58 -9.69 18.54
CA CYS A 65 17.13 -10.99 18.11
C CYS A 65 16.28 -11.56 16.97
N ILE A 66 16.04 -10.75 15.96
CA ILE A 66 15.22 -11.19 14.83
C ILE A 66 16.08 -11.89 13.82
N SER A 67 15.67 -13.07 13.38
CA SER A 67 16.46 -13.78 12.37
C SER A 67 15.71 -13.93 11.04
N THR A 68 14.54 -13.31 10.93
CA THR A 68 13.71 -13.41 9.73
C THR A 68 13.01 -12.10 9.45
N VAL A 69 13.08 -11.64 8.20
CA VAL A 69 12.35 -10.44 7.77
C VAL A 69 11.44 -10.84 6.62
N LEU A 70 10.19 -10.37 6.66
CA LEU A 70 9.21 -10.73 5.66
C LEU A 70 9.06 -9.54 4.73
N LEU A 71 9.13 -9.78 3.43
N LEU A 71 9.16 -9.80 3.43
CA LEU A 71 9.16 -8.70 2.45
CA LEU A 71 9.09 -8.77 2.42
C LEU A 71 7.79 -8.54 1.81
C LEU A 71 7.65 -8.62 1.97
N ALA A 72 7.14 -7.39 2.05
CA ALA A 72 5.82 -7.12 1.57
C ALA A 72 5.83 -5.77 0.85
N VAL A 73 6.50 -5.72 -0.30
CA VAL A 73 6.62 -4.50 -1.10
C VAL A 73 6.23 -4.78 -2.55
N PRO A 74 5.00 -5.31 -2.74
CA PRO A 74 4.59 -5.80 -4.06
C PRO A 74 4.53 -4.69 -5.10
N SER A 75 4.30 -3.44 -4.73
CA SER A 75 4.23 -2.42 -5.77
C SER A 75 5.53 -1.62 -5.92
N ALA A 76 6.58 -2.02 -5.23
CA ALA A 76 7.89 -1.41 -5.46
C ALA A 76 8.46 -1.84 -6.80
N SER A 77 9.29 -1.00 -7.41
CA SER A 77 9.93 -1.37 -8.67
C SER A 77 10.86 -2.55 -8.42
N GLN A 78 11.31 -3.19 -9.49
CA GLN A 78 12.26 -4.29 -9.34
C GLN A 78 13.58 -3.73 -8.80
N VAL A 79 13.95 -2.56 -9.28
CA VAL A 79 15.19 -1.93 -8.85
C VAL A 79 15.17 -1.71 -7.35
N GLN A 80 14.05 -1.22 -6.83
CA GLN A 80 13.92 -0.98 -5.41
C GLN A 80 13.91 -2.28 -4.58
N LYS A 81 13.24 -3.31 -5.08
CA LYS A 81 13.17 -4.57 -4.34
C LYS A 81 14.54 -5.23 -4.20
N LYS A 82 15.38 -5.06 -5.22
CA LYS A 82 16.74 -5.59 -5.24
C LYS A 82 17.59 -4.91 -4.17
N VAL A 83 17.54 -3.59 -4.16
CA VAL A 83 18.19 -2.82 -3.12
C VAL A 83 17.76 -3.28 -1.72
N ILE A 84 16.46 -3.50 -1.52
CA ILE A 84 16.00 -3.95 -0.21
C ILE A 84 16.58 -5.31 0.18
N ILE A 85 16.48 -6.26 -0.74
CA ILE A 85 16.95 -7.62 -0.47
C ILE A 85 18.45 -7.62 -0.19
N GLU A 86 19.21 -6.86 -0.97
CA GLU A 86 20.64 -6.73 -0.74
C GLU A 86 20.96 -6.14 0.63
N SER A 87 20.12 -5.20 1.08
CA SER A 87 20.35 -4.53 2.35
C SER A 87 20.13 -5.52 3.49
N LEU A 88 19.19 -6.45 3.29
CA LEU A 88 18.86 -7.42 4.32
C LEU A 88 19.91 -8.53 4.35
N ALA A 89 20.41 -8.88 3.17
CA ALA A 89 21.42 -9.92 3.07
C ALA A 89 22.67 -9.57 3.88
N LYS A 90 23.05 -8.30 3.87
CA LYS A 90 24.20 -7.83 4.62
C LYS A 90 24.00 -8.02 6.12
N LEU A 91 22.74 -8.07 6.57
CA LEU A 91 22.44 -8.16 7.99
C LEU A 91 22.23 -9.59 8.48
N HIS A 92 22.52 -10.56 7.61
CA HIS A 92 22.40 -11.96 7.98
C HIS A 92 21.07 -12.34 8.64
N VAL A 93 19.98 -12.05 7.94
CA VAL A 93 18.66 -12.57 8.31
C VAL A 93 18.12 -13.37 7.13
N GLU A 94 17.26 -14.33 7.42
CA GLU A 94 16.49 -15.00 6.37
C GLU A 94 15.45 -14.01 5.80
N VAL A 95 15.25 -14.02 4.49
CA VAL A 95 14.25 -13.14 3.89
C VAL A 95 13.19 -13.98 3.18
N LEU A 96 11.94 -13.85 3.63
CA LEU A 96 10.81 -14.48 2.96
C LEU A 96 9.99 -13.38 2.29
N THR A 97 9.35 -13.68 1.16
CA THR A 97 8.56 -12.67 0.47
C THR A 97 7.11 -13.14 0.26
N ILE A 98 6.16 -12.21 0.29
CA ILE A 98 4.80 -12.51 -0.11
C ILE A 98 4.81 -12.60 -1.65
N PRO A 99 3.68 -13.01 -2.27
CA PRO A 99 3.67 -13.19 -3.73
C PRO A 99 3.87 -11.89 -4.51
N ASN A 100 4.17 -12.04 -5.80
CA ASN A 100 4.32 -10.91 -6.71
C ASN A 100 3.01 -10.16 -6.87
N LEU A 101 3.09 -8.92 -7.32
CA LEU A 101 1.93 -8.05 -7.40
C LEU A 101 0.86 -8.65 -8.31
N ASP A 102 1.26 -9.13 -9.49
N ASP A 102 1.25 -9.13 -9.49
CA ASP A 102 0.27 -9.67 -10.43
CA ASP A 102 0.25 -9.66 -10.42
C ASP A 102 -0.49 -10.86 -9.83
C ASP A 102 -0.49 -10.86 -9.81
N ASP A 103 0.21 -11.69 -9.06
CA ASP A 103 -0.42 -12.83 -8.40
C ASP A 103 -1.36 -12.35 -7.29
N LEU A 104 -1.05 -11.20 -6.71
CA LEU A 104 -1.93 -10.65 -5.69
C LEU A 104 -3.20 -10.05 -6.30
N VAL A 105 -3.04 -9.16 -7.26
CA VAL A 105 -4.19 -8.42 -7.78
C VAL A 105 -5.12 -9.29 -8.62
N ASN A 106 -4.56 -10.27 -9.32
N ASN A 106 -4.57 -10.27 -9.33
CA ASN A 106 -5.35 -11.23 -10.08
CA ASN A 106 -5.41 -11.22 -10.06
C ASN A 106 -5.96 -12.31 -9.16
C ASN A 106 -6.11 -12.19 -9.12
N GLY A 107 -5.64 -12.23 -7.88
CA GLY A 107 -6.20 -13.11 -6.86
C GLY A 107 -5.85 -14.59 -6.87
N LYS A 108 -4.71 -14.97 -7.46
CA LYS A 108 -4.35 -16.38 -7.51
C LYS A 108 -3.40 -16.82 -6.38
N LEU A 109 -2.98 -15.90 -5.52
CA LEU A 109 -2.22 -16.25 -4.32
C LEU A 109 -2.54 -15.28 -3.17
N SER A 110 -2.62 -15.82 -1.97
CA SER A 110 -2.87 -15.05 -0.76
C SER A 110 -1.63 -14.24 -0.35
N ILE A 111 -1.86 -13.08 0.28
CA ILE A 111 -0.76 -12.29 0.85
C ILE A 111 0.08 -13.14 1.79
N GLY A 112 -0.59 -14.02 2.53
CA GLY A 112 0.07 -14.85 3.53
C GLY A 112 0.90 -16.00 3.02
N GLN A 113 0.95 -16.19 1.71
CA GLN A 113 1.75 -17.27 1.12
C GLN A 113 3.20 -16.84 0.95
N LEU A 114 4.04 -17.20 1.91
CA LEU A 114 5.42 -16.75 1.98
C LEU A 114 6.37 -17.74 1.31
N LYS A 115 7.39 -17.21 0.65
N LYS A 115 7.38 -17.22 0.64
CA LYS A 115 8.41 -18.03 0.02
CA LYS A 115 8.42 -18.06 0.04
C LYS A 115 9.78 -17.40 0.27
C LYS A 115 9.77 -17.41 0.29
N GLU A 116 10.81 -18.22 0.42
CA GLU A 116 12.14 -17.67 0.60
C GLU A 116 12.51 -16.94 -0.70
N VAL A 117 13.24 -15.84 -0.61
CA VAL A 117 13.62 -15.11 -1.82
C VAL A 117 14.68 -15.89 -2.59
N SER A 118 14.63 -15.79 -3.91
CA SER A 118 15.60 -16.45 -4.78
C SER A 118 16.28 -15.47 -5.73
N ILE A 119 17.28 -15.95 -6.47
CA ILE A 119 17.93 -15.12 -7.48
C ILE A 119 16.89 -14.45 -8.36
N ASP A 120 15.88 -15.24 -8.73
CA ASP A 120 14.77 -14.76 -9.55
C ASP A 120 14.14 -13.50 -8.93
N ASP A 121 14.05 -13.46 -7.61
CA ASP A 121 13.47 -12.32 -6.91
C ASP A 121 14.36 -11.08 -6.94
N LEU A 122 15.66 -11.30 -6.93
CA LEU A 122 16.64 -10.23 -6.85
C LEU A 122 16.72 -9.50 -8.17
N LEU A 123 16.96 -10.27 -9.22
CA LEU A 123 17.17 -9.73 -10.55
C LEU A 123 15.86 -9.27 -11.19
N GLY A 124 14.90 -10.18 -11.30
CA GLY A 124 13.62 -9.87 -11.91
C GLY A 124 13.54 -10.34 -13.35
N ALA B 3 -20.45 6.76 -22.01
CA ALA B 3 -19.10 6.56 -21.48
C ALA B 3 -19.09 6.74 -19.97
N LYS B 4 -18.20 6.01 -19.31
CA LYS B 4 -18.16 5.98 -17.86
C LYS B 4 -17.71 7.31 -17.26
N LYS B 5 -18.08 7.55 -16.00
CA LYS B 5 -17.63 8.71 -15.26
C LYS B 5 -16.11 8.67 -15.02
N LYS B 6 -15.41 9.73 -15.41
CA LYS B 6 -13.96 9.74 -15.27
C LYS B 6 -13.52 10.04 -13.83
N VAL B 7 -12.59 9.27 -13.32
CA VAL B 7 -12.09 9.50 -11.96
C VAL B 7 -10.58 9.43 -11.90
N LEU B 8 -10.00 10.00 -10.84
CA LEU B 8 -8.65 9.66 -10.46
C LEU B 8 -8.72 8.70 -9.28
N ILE B 9 -7.73 7.82 -9.19
CA ILE B 9 -7.61 6.94 -8.01
C ILE B 9 -6.40 7.41 -7.21
N TYR B 10 -6.63 7.78 -5.96
CA TYR B 10 -5.56 8.21 -5.09
C TYR B 10 -5.05 6.94 -4.41
N GLY B 11 -3.81 6.55 -4.72
CA GLY B 11 -3.18 5.37 -4.14
C GLY B 11 -2.82 4.42 -5.28
N ALA B 12 -1.54 4.34 -5.61
CA ALA B 12 -1.09 3.46 -6.69
C ALA B 12 -0.34 2.23 -6.17
N GLY B 13 -0.75 1.73 -5.02
CA GLY B 13 -0.19 0.51 -4.47
C GLY B 13 -1.10 -0.63 -4.87
N SER B 14 -0.93 -1.79 -4.24
CA SER B 14 -1.76 -2.95 -4.59
C SER B 14 -3.26 -2.71 -4.45
N ALA B 15 -3.69 -1.89 -3.50
CA ALA B 15 -5.13 -1.65 -3.34
C ALA B 15 -5.68 -0.86 -4.51
N GLY B 16 -5.01 0.22 -4.89
CA GLY B 16 -5.48 1.07 -5.98
C GLY B 16 -5.47 0.33 -7.31
N LEU B 17 -4.50 -0.55 -7.48
CA LEU B 17 -4.41 -1.34 -8.68
C LEU B 17 -5.59 -2.30 -8.78
N GLN B 18 -5.93 -2.95 -7.68
CA GLN B 18 -7.09 -3.84 -7.69
C GLN B 18 -8.36 -3.06 -7.94
N LEU B 19 -8.49 -1.90 -7.30
CA LEU B 19 -9.66 -1.07 -7.58
C LEU B 19 -9.75 -0.73 -9.05
N ALA B 20 -8.64 -0.31 -9.64
CA ALA B 20 -8.68 0.11 -11.04
C ALA B 20 -9.19 -1.05 -11.92
N ASN B 21 -8.87 -2.29 -11.56
CA ASN B 21 -9.40 -3.45 -12.30
C ASN B 21 -10.89 -3.68 -12.04
N LEU B 23 -12.98 -1.37 -11.35
CA LEU B 23 -13.63 -0.31 -12.16
C LEU B 23 -13.54 -0.55 -13.67
N ARG B 24 -12.33 -0.80 -14.17
CA ARG B 24 -12.09 -0.81 -15.60
C ARG B 24 -12.88 -1.91 -16.29
N GLN B 25 -13.10 -3.00 -15.59
CA GLN B 25 -13.93 -4.08 -16.10
C GLN B 25 -15.40 -3.65 -16.03
N GLY B 26 -15.68 -2.74 -15.10
CA GLY B 26 -17.05 -2.31 -14.85
C GLY B 26 -17.56 -1.23 -15.79
N LYS B 27 -18.80 -0.82 -15.58
CA LYS B 27 -19.47 0.13 -16.47
C LYS B 27 -19.79 1.48 -15.82
N GLU B 28 -19.22 1.76 -14.65
CA GLU B 28 -19.58 2.98 -13.92
C GLU B 28 -18.50 4.08 -13.88
N PHE B 29 -17.26 3.68 -13.55
CA PHE B 29 -16.17 4.65 -13.49
C PHE B 29 -15.05 4.26 -14.45
N HIS B 30 -14.34 5.26 -14.97
CA HIS B 30 -13.14 4.98 -15.74
C HIS B 30 -11.94 5.67 -15.09
N PRO B 31 -10.98 4.88 -14.59
CA PRO B 31 -9.84 5.55 -13.96
C PRO B 31 -8.94 6.15 -15.02
N ILE B 32 -8.75 7.47 -14.97
CA ILE B 32 -7.92 8.19 -15.94
C ILE B 32 -6.44 8.09 -15.61
N ALA B 33 -6.13 8.17 -14.33
CA ALA B 33 -4.75 8.17 -13.84
C ALA B 33 -4.78 7.89 -12.37
N PHE B 34 -3.62 7.57 -11.80
CA PHE B 34 -3.44 7.43 -10.37
C PHE B 34 -2.77 8.68 -9.80
N ILE B 35 -3.07 8.98 -8.55
CA ILE B 35 -2.27 9.92 -7.78
C ILE B 35 -1.57 9.12 -6.67
N ASP B 36 -0.30 9.39 -6.42
CA ASP B 36 0.43 8.73 -5.32
C ASP B 36 1.48 9.66 -4.71
N ASP B 37 1.53 9.69 -3.37
CA ASP B 37 2.45 10.54 -2.63
C ASP B 37 3.91 10.14 -2.84
N ASP B 38 4.14 8.93 -3.37
CA ASP B 38 5.51 8.42 -3.52
C ASP B 38 6.18 8.98 -4.78
N ARG B 39 7.01 10.00 -4.59
CA ARG B 39 7.73 10.61 -5.71
C ARG B 39 8.45 9.60 -6.59
N LYS B 40 8.87 8.48 -6.01
CA LYS B 40 9.53 7.43 -6.78
C LYS B 40 8.61 6.89 -7.88
N LYS B 41 7.30 7.04 -7.69
CA LYS B 41 6.31 6.53 -8.63
C LYS B 41 5.84 7.58 -9.65
N HIS B 42 6.28 8.82 -9.49
CA HIS B 42 5.79 9.89 -10.34
C HIS B 42 6.11 9.60 -11.81
N LYS B 43 5.08 9.71 -12.63
CA LYS B 43 5.17 9.45 -14.06
C LYS B 43 5.60 8.03 -14.44
N THR B 44 5.49 7.08 -13.52
CA THR B 44 5.59 5.68 -13.92
C THR B 44 4.22 5.22 -14.40
N THR B 45 4.11 4.01 -14.93
CA THR B 45 2.81 3.55 -15.44
C THR B 45 2.45 2.17 -14.91
N GLN B 47 -0.59 -0.69 -15.69
CA GLN B 47 -1.73 -1.08 -16.51
C GLN B 47 -2.17 0.00 -17.50
N GLY B 48 -1.20 0.69 -18.11
CA GLY B 48 -1.52 1.66 -19.13
C GLY B 48 -2.03 2.98 -18.57
N ILE B 49 -2.10 3.04 -17.25
CA ILE B 49 -2.48 4.25 -16.56
C ILE B 49 -1.21 4.84 -16.00
N THR B 50 -0.99 6.14 -16.15
CA THR B 50 0.17 6.71 -15.48
C THR B 50 -0.15 7.27 -14.08
N ILE B 51 0.89 7.33 -13.25
CA ILE B 51 0.82 7.71 -11.84
C ILE B 51 1.47 9.07 -11.68
N TYR B 52 0.84 9.97 -10.92
CA TYR B 52 1.36 11.33 -10.76
C TYR B 52 1.42 11.73 -9.29
N ARG B 53 2.38 12.59 -8.97
CA ARG B 53 2.47 13.17 -7.64
C ARG B 53 1.27 14.10 -7.45
N PRO B 54 0.90 14.35 -6.18
CA PRO B 54 -0.34 15.08 -5.89
C PRO B 54 -0.33 16.52 -6.40
N LYS B 55 0.84 17.05 -6.71
CA LYS B 55 0.93 18.39 -7.29
C LYS B 55 0.16 18.45 -8.62
N TYR B 56 0.01 17.29 -9.25
CA TYR B 56 -0.69 17.24 -10.54
C TYR B 56 -2.23 17.18 -10.43
N LEU B 57 -2.77 17.17 -9.21
CA LEU B 57 -4.22 17.04 -9.01
C LEU B 57 -5.02 18.09 -9.79
N GLU B 58 -4.68 19.35 -9.59
CA GLU B 58 -5.44 20.43 -10.23
C GLU B 58 -5.45 20.29 -11.74
N ARG B 59 -4.28 20.08 -12.32
CA ARG B 59 -4.20 20.05 -13.77
C ARG B 59 -4.89 18.84 -14.38
N LEU B 60 -4.90 17.71 -13.69
CA LEU B 60 -5.56 16.50 -14.19
C LEU B 60 -7.07 16.63 -14.07
N ILE B 61 -7.53 17.18 -12.96
CA ILE B 61 -8.96 17.36 -12.74
C ILE B 61 -9.52 18.27 -13.85
N LYS B 62 -8.81 19.37 -14.10
CA LYS B 62 -9.20 20.33 -15.13
C LYS B 62 -9.10 19.73 -16.54
N LYS B 63 -8.01 19.01 -16.81
CA LYS B 63 -7.78 18.48 -18.14
C LYS B 63 -8.82 17.44 -18.54
N HIS B 64 -9.24 16.63 -17.58
CA HIS B 64 -10.16 15.52 -17.84
C HIS B 64 -11.57 15.75 -17.31
N CYS B 65 -11.84 16.97 -16.86
CA CYS B 65 -13.15 17.29 -16.27
C CYS B 65 -13.58 16.25 -15.24
N ILE B 66 -12.70 16.00 -14.28
CA ILE B 66 -12.95 15.00 -13.23
C ILE B 66 -13.71 15.62 -12.06
N SER B 67 -14.82 15.01 -11.64
CA SER B 67 -15.53 15.56 -10.50
C SER B 67 -15.63 14.57 -9.35
N THR B 68 -14.92 13.46 -9.45
CA THR B 68 -14.93 12.41 -8.42
C THR B 68 -13.55 11.82 -8.30
N VAL B 69 -13.05 11.70 -7.06
CA VAL B 69 -11.77 11.07 -6.81
C VAL B 69 -11.99 9.93 -5.82
N LEU B 70 -11.41 8.77 -6.12
CA LEU B 70 -11.58 7.58 -5.29
C LEU B 70 -10.32 7.32 -4.47
N LEU B 71 -10.48 7.13 -3.17
CA LEU B 71 -9.32 6.88 -2.30
C LEU B 71 -9.09 5.39 -2.15
N ALA B 72 -7.87 4.95 -2.46
CA ALA B 72 -7.48 3.58 -2.26
C ALA B 72 -6.16 3.59 -1.49
N VAL B 73 -6.21 4.17 -0.28
CA VAL B 73 -5.06 4.25 0.59
C VAL B 73 -5.37 3.71 2.00
N PRO B 74 -5.74 2.42 2.06
CA PRO B 74 -6.08 1.79 3.35
C PRO B 74 -4.88 1.78 4.31
N SER B 75 -3.65 1.96 3.81
CA SER B 75 -2.52 1.93 4.73
C SER B 75 -2.14 3.32 5.27
N ALA B 76 -2.89 4.34 4.87
CA ALA B 76 -2.62 5.67 5.38
C ALA B 76 -3.15 5.78 6.79
N SER B 77 -2.41 6.46 7.67
CA SER B 77 -2.88 6.74 9.01
C SER B 77 -4.11 7.62 8.90
N GLN B 78 -4.93 7.67 9.94
N GLN B 78 -4.89 7.67 9.99
CA GLN B 78 -6.13 8.52 9.84
CA GLN B 78 -6.11 8.47 10.03
C GLN B 78 -5.70 9.97 9.68
C GLN B 78 -5.77 9.94 9.82
N VAL B 79 -4.65 10.38 10.39
CA VAL B 79 -4.17 11.76 10.21
C VAL B 79 -3.85 12.07 8.75
N GLN B 80 -3.12 11.16 8.11
CA GLN B 80 -2.72 11.35 6.72
C GLN B 80 -3.91 11.26 5.76
N LYS B 81 -4.85 10.38 6.04
CA LYS B 81 -6.02 10.26 5.17
C LYS B 81 -6.83 11.56 5.18
N LYS B 82 -6.92 12.18 6.35
CA LYS B 82 -7.66 13.46 6.44
C LYS B 82 -6.95 14.58 5.70
N VAL B 83 -5.62 14.59 5.77
CA VAL B 83 -4.85 15.54 4.97
C VAL B 83 -5.21 15.39 3.50
N ILE B 84 -5.21 14.15 3.03
CA ILE B 84 -5.58 13.86 1.64
C ILE B 84 -7.01 14.31 1.32
N ILE B 85 -7.95 13.98 2.21
CA ILE B 85 -9.36 14.26 1.94
C ILE B 85 -9.57 15.76 1.87
N GLU B 86 -8.98 16.49 2.81
CA GLU B 86 -9.16 17.95 2.79
C GLU B 86 -8.54 18.60 1.56
N SER B 87 -7.40 18.07 1.12
CA SER B 87 -6.75 18.56 -0.10
C SER B 87 -7.68 18.40 -1.31
N LEU B 88 -8.43 17.31 -1.35
CA LEU B 88 -9.38 17.08 -2.44
C LEU B 88 -10.65 17.91 -2.31
N ALA B 89 -11.14 18.06 -1.08
CA ALA B 89 -12.35 18.85 -0.86
C ALA B 89 -12.22 20.22 -1.47
N LYS B 90 -11.06 20.84 -1.28
CA LYS B 90 -10.84 22.20 -1.72
C LYS B 90 -10.67 22.30 -3.24
N LEU B 91 -10.72 21.17 -3.93
CA LEU B 91 -10.67 21.19 -5.39
C LEU B 91 -12.06 20.91 -5.98
N HIS B 92 -13.07 20.92 -5.12
CA HIS B 92 -14.46 20.75 -5.55
C HIS B 92 -14.66 19.46 -6.32
N VAL B 93 -14.18 18.35 -5.76
CA VAL B 93 -14.54 17.04 -6.26
C VAL B 93 -15.26 16.33 -5.12
N GLU B 94 -16.04 15.32 -5.47
CA GLU B 94 -16.65 14.42 -4.53
C GLU B 94 -15.58 13.39 -4.18
N VAL B 95 -15.57 12.91 -2.95
CA VAL B 95 -14.51 11.98 -2.54
C VAL B 95 -15.13 10.70 -2.00
N LEU B 96 -14.77 9.56 -2.59
CA LEU B 96 -15.29 8.26 -2.15
C LEU B 96 -14.09 7.43 -1.74
N THR B 97 -14.32 6.44 -0.88
CA THR B 97 -13.20 5.63 -0.38
C THR B 97 -13.55 4.14 -0.36
N ILE B 98 -12.53 3.31 -0.60
CA ILE B 98 -12.71 1.86 -0.41
C ILE B 98 -12.72 1.61 1.11
N PRO B 99 -13.05 0.36 1.53
CA PRO B 99 -13.08 0.04 2.97
C PRO B 99 -11.76 0.24 3.71
N ASN B 100 -11.85 0.28 5.03
CA ASN B 100 -10.67 0.28 5.89
C ASN B 100 -9.92 -1.04 5.81
N LEU B 101 -8.64 -0.98 6.12
CA LEU B 101 -7.76 -2.13 6.02
C LEU B 101 -8.32 -3.39 6.70
N ASP B 102 -8.78 -3.24 7.93
CA ASP B 102 -9.16 -4.41 8.71
C ASP B 102 -10.39 -5.09 8.10
N ASP B 103 -11.19 -4.32 7.37
CA ASP B 103 -12.37 -4.89 6.71
C ASP B 103 -12.01 -5.55 5.38
N LEU B 104 -10.84 -5.22 4.86
CA LEU B 104 -10.39 -5.87 3.63
C LEU B 104 -9.72 -7.20 3.92
N VAL B 105 -9.09 -7.32 5.07
CA VAL B 105 -8.17 -8.45 5.27
C VAL B 105 -8.92 -9.79 5.39
N ASN B 106 -9.98 -9.79 6.19
CA ASN B 106 -10.82 -10.97 6.36
C ASN B 106 -11.83 -11.13 5.22
N GLY B 107 -11.69 -10.28 4.20
CA GLY B 107 -12.66 -10.23 3.11
C GLY B 107 -14.08 -9.90 3.53
N LYS B 108 -14.26 -9.31 4.71
CA LYS B 108 -15.60 -8.89 5.10
C LYS B 108 -16.20 -7.93 4.05
N LEU B 109 -15.44 -6.93 3.64
CA LEU B 109 -15.92 -5.96 2.66
C LEU B 109 -15.03 -6.06 1.41
N SER B 110 -15.61 -5.79 0.25
CA SER B 110 -14.87 -5.81 -1.01
C SER B 110 -14.21 -4.46 -1.29
N ILE B 111 -13.07 -4.46 -1.95
CA ILE B 111 -12.41 -3.23 -2.36
C ILE B 111 -13.32 -2.37 -3.24
N GLY B 112 -14.26 -3.01 -3.94
CA GLY B 112 -15.13 -2.28 -4.83
C GLY B 112 -16.24 -1.51 -4.13
N GLN B 113 -16.42 -1.71 -2.82
CA GLN B 113 -17.47 -0.97 -2.11
C GLN B 113 -16.97 0.45 -1.83
N LEU B 114 -17.58 1.43 -2.48
CA LEU B 114 -17.11 2.81 -2.38
C LEU B 114 -18.07 3.63 -1.55
N LYS B 115 -17.57 4.22 -0.47
CA LYS B 115 -18.41 5.01 0.42
C LYS B 115 -18.04 6.50 0.35
N GLU B 116 -19.03 7.37 0.38
N GLU B 116 -19.02 7.38 0.37
CA GLU B 116 -18.76 8.81 0.42
CA GLU B 116 -18.69 8.81 0.39
C GLU B 116 -18.05 9.14 1.74
C GLU B 116 -18.05 9.15 1.73
N VAL B 117 -16.97 9.93 1.71
CA VAL B 117 -16.30 10.29 2.98
C VAL B 117 -17.24 11.12 3.86
N SER B 118 -17.04 11.10 5.18
CA SER B 118 -17.94 11.89 6.04
C SER B 118 -17.77 13.38 5.75
N ILE B 119 -18.85 14.13 5.95
CA ILE B 119 -18.82 15.59 5.86
C ILE B 119 -17.86 16.16 6.90
N ASP B 120 -17.79 15.52 8.07
CA ASP B 120 -16.81 15.91 9.09
C ASP B 120 -15.40 15.84 8.53
N ASP B 121 -15.06 14.73 7.89
CA ASP B 121 -13.72 14.55 7.33
C ASP B 121 -13.53 15.48 6.13
N LEU B 122 -14.56 15.59 5.29
CA LEU B 122 -14.49 16.44 4.11
C LEU B 122 -14.14 17.87 4.48
N LEU B 123 -14.76 18.37 5.54
CA LEU B 123 -14.68 19.79 5.87
C LEU B 123 -13.66 20.07 6.97
N GLY B 124 -13.15 19.02 7.60
CA GLY B 124 -12.20 19.19 8.68
C GLY B 124 -12.90 19.91 9.81
N ARG B 125 -13.97 19.29 10.30
CA ARG B 125 -14.75 19.82 11.42
C ARG B 125 -14.13 19.46 12.77
#